data_7Z6F
#
_entry.id   7Z6F
#
_cell.length_a   70.531
_cell.length_b   76.972
_cell.length_c   103.817
_cell.angle_alpha   90.000
_cell.angle_beta   90.000
_cell.angle_gamma   90.000
#
_symmetry.space_group_name_H-M   'P 21 21 21'
#
loop_
_entity.id
_entity.type
_entity.pdbx_description
1 polymer YejA
2 polymer 'degradation peptide VAL-LEU-GLY-GLU-PRO-ARG-TYR-ALA-PHE-ASN-PHE-ASN'
3 non-polymer GLYCEROL
4 non-polymer 'CHLORIDE ION'
5 non-polymer 'MAGNESIUM ION'
6 water water
#
loop_
_entity_poly.entity_id
_entity_poly.type
_entity_poly.pdbx_seq_one_letter_code
_entity_poly.pdbx_strand_id
1 'polypeptide(L)'
;QAIKESYAFAVLGEPRYAFNFNHFDYVNPAAPKGGQITLSALGTFDNFNRYALRGNPGARTEQLYDTLFTTSDDEPGSYY
PLIAESARYADDYSWVEVAINPRARFHDGSPITARDVEFTFQKFMTEGVPQFRLVYKGTTVKAIAPLTVRIELAKPGKED
MLSLFSLPVFPEKYWKDHKLSDPLATPPLASGPYRVTSWKMGQNIVYSRVKDYWAANLPVNRGRWNFDTIRYDYYLDDNV
AFEAFKAGAFDLRMENDAKNWATRYTGKNFDKKYIIKDEQKNESAQDTRWLAFNIQRPVFSDRRVREAITLAFDFEWMNK
ALFYNAWSRTNSYFQNTEYAARNYPDAAELVLLAPMKKDLPSEVFTQIYQPPVSKGDGYDRDNLLKADKLLNEAGWVLKG
QQRVNATTGQPLSFELLLPASSNSQWVLPFQHSLQRLGINMDIRKVDNSQITNRMRSRDYDMMPRVWRAMPWPSSDLQIS
WSSEYINSTYNAPGVQSPVIDSLINQIIAAQGNKEKLLPLGRALDRVLTWNYYMLPMWYMAEDRLAWWDKFSQPAVRPIY
SLGIDTWWYDVNKAAKLPSASKQGE
;
E
2 'polypeptide(L)' VLGEPRYAFNFN A
#
loop_
_chem_comp.id
_chem_comp.type
_chem_comp.name
_chem_comp.formula
CL non-polymer 'CHLORIDE ION' 'Cl -1'
GOL non-polymer GLYCEROL 'C3 H8 O3'
MG non-polymer 'MAGNESIUM ION' 'Mg 2'
#
# COMPACT_ATOMS: atom_id res chain seq x y z
N ILE A 3 30.83 18.56 -0.06
CA ILE A 3 30.59 17.16 0.31
C ILE A 3 30.19 17.07 1.77
N LYS A 4 29.01 16.53 2.02
CA LYS A 4 28.51 16.36 3.37
C LYS A 4 28.59 14.90 3.77
N GLU A 5 28.61 14.64 5.07
CA GLU A 5 28.55 13.28 5.60
C GLU A 5 27.44 13.23 6.62
N SER A 6 26.59 12.21 6.52
CA SER A 6 25.45 12.09 7.44
C SER A 6 25.16 10.64 7.77
N TYR A 7 24.41 10.47 8.86
CA TYR A 7 23.99 9.16 9.34
C TYR A 7 22.48 8.98 9.27
N ALA A 8 21.75 9.92 8.71
CA ALA A 8 20.30 9.87 8.62
C ALA A 8 19.85 10.86 7.56
N PHE A 9 18.72 10.55 6.93
CA PHE A 9 18.17 11.36 5.85
C PHE A 9 16.66 11.44 5.99
N ALA A 10 16.08 12.52 5.47
CA ALA A 10 14.63 12.65 5.47
C ALA A 10 14.18 13.19 4.11
N VAL A 11 13.08 12.63 3.58
CA VAL A 11 12.57 13.10 2.28
C VAL A 11 12.21 14.59 2.35
N LEU A 12 11.61 15.03 3.45
CA LEU A 12 11.23 16.43 3.66
C LEU A 12 11.74 16.87 5.03
N GLY A 13 12.45 17.99 5.06
CA GLY A 13 12.95 18.45 6.33
C GLY A 13 14.06 17.57 6.87
N GLU A 14 14.18 17.54 8.19
CA GLU A 14 15.28 16.84 8.84
C GLU A 14 14.78 15.63 9.64
N PRO A 15 15.60 14.58 9.74
CA PRO A 15 15.19 13.39 10.51
C PRO A 15 15.05 13.73 11.99
N ARG A 16 14.10 13.06 12.63
CA ARG A 16 13.79 13.30 14.03
C ARG A 16 14.88 12.78 14.97
N TYR A 17 15.53 11.68 14.62
CA TYR A 17 16.46 11.02 15.54
C TYR A 17 17.90 11.45 15.25
N ALA A 18 18.56 12.03 16.27
CA ALA A 18 19.93 12.47 16.16
C ALA A 18 20.87 11.28 15.94
N PHE A 19 22.08 11.58 15.45
CA PHE A 19 23.02 10.52 15.08
C PHE A 19 23.35 9.62 16.26
N ASN A 20 23.26 10.14 17.47
CA ASN A 20 23.58 9.42 18.69
C ASN A 20 22.39 8.67 19.28
N PHE A 21 21.27 8.63 18.57
CA PHE A 21 20.06 8.08 19.15
C PHE A 21 20.25 6.60 19.48
N ASN A 22 19.62 6.19 20.56
CA ASN A 22 19.73 4.85 21.11
C ASN A 22 18.64 3.93 20.60
N HIS A 23 17.43 4.44 20.42
CA HIS A 23 16.28 3.63 20.05
C HIS A 23 15.14 4.56 19.67
N PHE A 24 14.13 4.00 19.03
CA PHE A 24 12.98 4.79 18.60
C PHE A 24 12.08 5.10 19.80
N ASP A 25 11.38 6.24 19.72
CA ASP A 25 10.52 6.66 20.82
C ASP A 25 9.42 5.63 21.10
N TYR A 26 9.05 4.85 20.08
CA TYR A 26 7.90 3.97 20.14
C TYR A 26 8.27 2.51 20.42
N VAL A 27 9.45 2.28 21.02
CA VAL A 27 9.83 0.93 21.41
C VAL A 27 10.12 0.92 22.91
N ASN A 28 10.05 -0.27 23.47
CA ASN A 28 10.62 -0.51 24.79
C ASN A 28 11.98 -1.15 24.58
N PRO A 29 13.08 -0.43 24.82
CA PRO A 29 14.42 -1.00 24.58
C PRO A 29 14.69 -2.29 25.36
N ALA A 30 14.00 -2.49 26.48
CA ALA A 30 14.20 -3.66 27.31
C ALA A 30 13.20 -4.77 27.02
N ALA A 31 12.51 -4.70 25.87
CA ALA A 31 11.49 -5.71 25.57
C ALA A 31 12.12 -7.10 25.59
N PRO A 32 11.53 -8.05 26.29
CA PRO A 32 12.08 -9.41 26.32
C PRO A 32 11.80 -10.15 25.02
N LYS A 33 12.74 -11.03 24.66
CA LYS A 33 12.57 -11.87 23.49
C LYS A 33 11.86 -13.17 23.88
N GLY A 34 11.15 -13.74 22.93
CA GLY A 34 10.51 -15.03 23.12
C GLY A 34 9.05 -15.02 22.69
N GLY A 35 8.48 -16.22 22.67
CA GLY A 35 7.07 -16.39 22.42
C GLY A 35 6.76 -16.40 20.93
N GLN A 36 5.51 -16.70 20.63
CA GLN A 36 5.08 -16.78 19.24
C GLN A 36 3.87 -15.89 19.04
N ILE A 37 3.78 -15.23 17.90
CA ILE A 37 2.53 -14.62 17.49
C ILE A 37 2.06 -15.29 16.21
N THR A 38 0.79 -15.68 16.17
CA THR A 38 0.18 -16.31 15.01
C THR A 38 -0.78 -15.34 14.36
N LEU A 39 -0.61 -15.11 13.06
CA LEU A 39 -1.43 -14.17 12.31
C LEU A 39 -2.15 -14.92 11.19
N SER A 40 -3.18 -14.29 10.64
CA SER A 40 -3.89 -14.82 9.47
C SER A 40 -3.47 -14.06 8.22
N ALA A 41 -3.73 -14.69 7.06
CA ALA A 41 -3.62 -14.06 5.75
C ALA A 41 -4.76 -14.60 4.89
N LEU A 42 -5.34 -13.75 4.04
CA LEU A 42 -6.44 -14.18 3.18
C LEU A 42 -5.94 -14.63 1.82
N GLY A 43 -6.58 -15.63 1.27
CA GLY A 43 -6.27 -16.11 -0.07
C GLY A 43 -5.29 -17.28 -0.03
N THR A 44 -4.23 -17.17 -0.81
CA THR A 44 -3.25 -18.25 -0.93
C THR A 44 -1.89 -17.66 -1.30
N PHE A 45 -0.90 -18.53 -1.41
CA PHE A 45 0.40 -18.12 -1.94
C PHE A 45 1.00 -19.33 -2.64
N ASP A 46 1.90 -19.05 -3.57
CA ASP A 46 2.52 -20.15 -4.29
C ASP A 46 4.03 -20.04 -4.45
N ASN A 47 4.66 -18.98 -3.93
CA ASN A 47 6.11 -18.92 -4.02
C ASN A 47 6.66 -17.90 -3.04
N PHE A 48 7.99 -17.81 -2.99
CA PHE A 48 8.69 -16.99 -2.01
C PHE A 48 9.39 -15.77 -2.60
N ASN A 49 9.19 -15.46 -3.88
CA ASN A 49 9.91 -14.37 -4.54
C ASN A 49 8.97 -13.18 -4.74
N ARG A 50 9.05 -12.21 -3.83
CA ARG A 50 8.21 -11.02 -3.92
C ARG A 50 8.47 -10.21 -5.20
N TYR A 51 9.66 -10.37 -5.80
CA TYR A 51 10.12 -9.49 -6.87
C TYR A 51 9.96 -10.11 -8.25
N ALA A 52 9.27 -11.25 -8.35
CA ALA A 52 9.09 -11.96 -9.61
C ALA A 52 8.09 -11.23 -10.51
N LEU A 53 8.06 -11.64 -11.79
CA LEU A 53 7.10 -11.12 -12.75
C LEU A 53 5.75 -11.80 -12.67
N ARG A 54 5.62 -12.84 -11.86
CA ARG A 54 4.37 -13.57 -11.74
C ARG A 54 4.35 -14.23 -10.38
N GLY A 55 3.23 -14.88 -10.08
CA GLY A 55 3.09 -15.64 -8.86
C GLY A 55 2.40 -14.86 -7.75
N ASN A 56 2.07 -15.60 -6.69
CA ASN A 56 1.38 -15.14 -5.49
C ASN A 56 2.34 -15.23 -4.32
N PRO A 57 3.06 -14.17 -3.97
CA PRO A 57 4.13 -14.31 -2.98
C PRO A 57 3.59 -14.44 -1.56
N GLY A 58 4.30 -15.22 -0.76
CA GLY A 58 3.88 -15.46 0.61
C GLY A 58 3.90 -14.20 1.47
N ALA A 59 3.12 -14.26 2.54
CA ALA A 59 3.11 -13.18 3.53
C ALA A 59 4.52 -12.90 4.03
N ARG A 60 4.81 -11.61 4.20
CA ARG A 60 6.07 -11.11 4.75
C ARG A 60 7.26 -11.29 3.82
N THR A 61 7.08 -11.86 2.62
CA THR A 61 8.27 -12.09 1.79
C THR A 61 8.82 -10.80 1.17
N GLU A 62 8.19 -9.65 1.42
CA GLU A 62 8.81 -8.36 1.10
C GLU A 62 9.79 -7.89 2.17
N GLN A 63 9.88 -8.62 3.29
CA GLN A 63 10.71 -8.24 4.43
C GLN A 63 11.82 -9.25 4.72
N LEU A 64 12.25 -10.02 3.72
CA LEU A 64 13.26 -11.03 3.98
C LEU A 64 14.66 -10.44 4.14
N TYR A 65 14.91 -9.24 3.61
CA TYR A 65 16.25 -8.68 3.46
C TYR A 65 16.40 -7.38 4.23
N ASP A 66 17.54 -7.23 4.90
CA ASP A 66 18.03 -5.91 5.32
C ASP A 66 18.30 -5.02 4.09
N THR A 67 18.31 -3.71 4.32
CA THR A 67 18.57 -2.69 3.31
C THR A 67 19.66 -1.74 3.82
N LEU A 68 20.15 -0.84 2.95
CA LEU A 68 21.20 0.08 3.37
C LEU A 68 20.76 0.95 4.56
N PHE A 69 19.61 1.59 4.43
CA PHE A 69 19.03 2.36 5.52
C PHE A 69 17.60 1.89 5.69
N THR A 70 17.08 2.03 6.90
CA THR A 70 15.70 1.66 7.15
C THR A 70 14.92 2.86 7.71
N THR A 71 13.62 2.83 7.50
CA THR A 71 12.80 3.98 7.84
C THR A 71 12.23 3.86 9.24
N SER A 72 12.04 5.01 9.87
CA SER A 72 11.29 5.08 11.13
C SER A 72 9.79 5.05 10.83
N ASP A 73 9.02 4.57 11.80
CA ASP A 73 7.59 4.41 11.62
C ASP A 73 6.80 5.57 12.19
N ASP A 74 7.46 6.57 12.76
CA ASP A 74 6.79 7.75 13.26
C ASP A 74 7.14 9.00 12.43
N GLU A 75 7.65 8.80 11.22
CA GLU A 75 7.97 9.87 10.30
C GLU A 75 7.57 9.46 8.89
N PRO A 76 7.19 10.42 8.04
CA PRO A 76 6.75 10.07 6.68
C PRO A 76 7.84 9.45 5.82
N GLY A 77 9.09 9.86 6.00
CA GLY A 77 10.15 9.30 5.18
C GLY A 77 11.55 9.60 5.69
N SER A 78 11.92 9.07 6.85
CA SER A 78 13.24 9.28 7.42
C SER A 78 13.99 7.97 7.54
N TYR A 79 15.28 8.01 7.19
CA TYR A 79 16.10 6.83 6.95
C TYR A 79 17.25 6.80 7.94
N TYR A 80 17.49 5.65 8.56
CA TYR A 80 18.52 5.49 9.57
C TYR A 80 19.35 4.25 9.27
N PRO A 81 20.56 4.16 9.82
CA PRO A 81 21.50 3.11 9.38
C PRO A 81 21.00 1.70 9.68
N LEU A 82 21.15 0.82 8.69
CA LEU A 82 20.98 -0.61 8.84
C LEU A 82 22.23 -1.31 8.31
N ILE A 83 22.24 -1.71 7.03
CA ILE A 83 23.48 -2.24 6.46
C ILE A 83 24.53 -1.14 6.34
N ALA A 84 24.11 0.06 5.94
CA ALA A 84 25.04 1.18 5.85
C ALA A 84 25.38 1.70 7.24
N GLU A 85 26.58 2.26 7.37
CA GLU A 85 26.95 3.01 8.57
C GLU A 85 26.77 4.51 8.41
N SER A 86 26.96 5.02 7.19
CA SER A 86 26.99 6.45 6.92
C SER A 86 27.03 6.64 5.42
N ALA A 87 26.94 7.90 4.99
CA ALA A 87 27.02 8.21 3.56
C ALA A 87 27.59 9.62 3.37
N ARG A 88 28.44 9.77 2.36
CA ARG A 88 28.92 11.07 1.90
C ARG A 88 28.21 11.44 0.61
N TYR A 89 27.84 12.71 0.47
CA TYR A 89 27.04 13.11 -0.68
C TYR A 89 27.23 14.58 -0.99
N ALA A 90 26.89 14.94 -2.23
CA ALA A 90 26.86 16.33 -2.65
C ALA A 90 25.50 16.94 -2.31
N ASP A 91 25.51 18.25 -2.08
CA ASP A 91 24.29 18.94 -1.67
C ASP A 91 23.16 18.83 -2.69
N ASP A 92 23.48 18.59 -3.96
CA ASP A 92 22.45 18.45 -4.98
C ASP A 92 21.89 17.05 -5.07
N TYR A 93 22.34 16.13 -4.20
CA TYR A 93 21.86 14.75 -4.17
C TYR A 93 21.91 14.10 -5.55
N SER A 94 23.02 14.31 -6.27
CA SER A 94 23.23 13.63 -7.55
C SER A 94 24.19 12.47 -7.43
N TRP A 95 24.89 12.33 -6.30
CA TRP A 95 25.71 11.16 -6.03
C TRP A 95 25.82 10.96 -4.53
N VAL A 96 26.08 9.73 -4.14
CA VAL A 96 26.28 9.40 -2.73
C VAL A 96 27.24 8.21 -2.67
N GLU A 97 28.13 8.24 -1.69
CA GLU A 97 28.97 7.11 -1.37
C GLU A 97 28.54 6.54 -0.03
N VAL A 98 28.07 5.30 -0.04
CA VAL A 98 27.52 4.66 1.16
C VAL A 98 28.57 3.72 1.74
N ALA A 99 28.89 3.91 3.01
CA ALA A 99 29.86 3.06 3.70
C ALA A 99 29.10 1.89 4.33
N ILE A 100 29.55 0.68 4.05
CA ILE A 100 28.88 -0.52 4.55
CA ILE A 100 28.91 -0.55 4.52
C ILE A 100 29.48 -0.94 5.88
N ASN A 101 28.60 -1.30 6.81
CA ASN A 101 28.99 -1.79 8.12
C ASN A 101 29.77 -3.10 7.98
N PRO A 102 31.00 -3.17 8.50
CA PRO A 102 31.77 -4.42 8.34
C PRO A 102 31.17 -5.62 9.08
N ARG A 103 30.22 -5.40 9.97
CA ARG A 103 29.59 -6.51 10.66
C ARG A 103 28.41 -7.10 9.89
N ALA A 104 28.02 -6.49 8.77
CA ALA A 104 26.81 -6.93 8.06
C ALA A 104 26.98 -8.35 7.52
N ARG A 105 25.94 -9.17 7.73
CA ARG A 105 26.00 -10.59 7.36
C ARG A 105 24.70 -11.06 6.76
N PHE A 106 24.80 -12.00 5.83
CA PHE A 106 23.65 -12.81 5.42
C PHE A 106 23.45 -13.96 6.41
N HIS A 107 22.32 -14.65 6.25
CA HIS A 107 21.96 -15.69 7.22
C HIS A 107 22.96 -16.85 7.27
N ASP A 108 23.72 -17.06 6.20
CA ASP A 108 24.74 -18.11 6.21
C ASP A 108 26.05 -17.63 6.81
N GLY A 109 26.08 -16.45 7.42
CA GLY A 109 27.32 -15.98 8.02
C GLY A 109 28.27 -15.28 7.06
N SER A 110 27.97 -15.23 5.75
CA SER A 110 28.88 -14.52 4.83
C SER A 110 28.62 -13.00 4.90
N PRO A 111 29.61 -12.18 4.57
CA PRO A 111 29.42 -10.74 4.70
C PRO A 111 28.57 -10.17 3.58
N ILE A 112 27.91 -9.06 3.89
CA ILE A 112 27.24 -8.25 2.88
C ILE A 112 28.22 -7.16 2.44
N THR A 113 28.55 -7.12 1.15
CA THR A 113 29.61 -6.24 0.67
C THR A 113 29.07 -5.23 -0.35
N ALA A 114 29.92 -4.27 -0.70
CA ALA A 114 29.53 -3.34 -1.77
C ALA A 114 29.23 -4.07 -3.06
N ARG A 115 29.98 -5.14 -3.36
CA ARG A 115 29.72 -5.89 -4.58
C ARG A 115 28.34 -6.51 -4.57
N ASP A 116 27.85 -6.96 -3.41
CA ASP A 116 26.48 -7.46 -3.35
C ASP A 116 25.47 -6.35 -3.70
N VAL A 117 25.71 -5.12 -3.23
CA VAL A 117 24.82 -4.01 -3.58
C VAL A 117 24.87 -3.72 -5.08
N GLU A 118 26.08 -3.70 -5.65
CA GLU A 118 26.22 -3.51 -7.10
CA GLU A 118 26.24 -3.52 -7.10
C GLU A 118 25.54 -4.64 -7.86
N PHE A 119 25.76 -5.89 -7.43
CA PHE A 119 25.09 -7.02 -8.06
C PHE A 119 23.58 -6.85 -8.01
N THR A 120 23.05 -6.43 -6.86
CA THR A 120 21.60 -6.33 -6.68
C THR A 120 21.01 -5.31 -7.63
N PHE A 121 21.62 -4.12 -7.72
CA PHE A 121 21.11 -3.11 -8.64
C PHE A 121 21.04 -3.67 -10.06
N GLN A 122 22.11 -4.33 -10.52
CA GLN A 122 22.10 -4.91 -11.86
C GLN A 122 21.08 -6.03 -12.00
N LYS A 123 20.86 -6.80 -10.94
CA LYS A 123 19.86 -7.87 -10.99
C LYS A 123 18.46 -7.30 -11.24
N PHE A 124 18.11 -6.22 -10.53
CA PHE A 124 16.82 -5.57 -10.75
C PHE A 124 16.76 -4.90 -12.11
N MET A 125 17.87 -4.29 -12.55
CA MET A 125 17.87 -3.63 -13.84
C MET A 125 17.60 -4.62 -14.97
N THR A 126 18.12 -5.84 -14.86
CA THR A 126 18.10 -6.79 -15.96
C THR A 126 17.03 -7.85 -15.84
N GLU A 127 16.61 -8.18 -14.62
CA GLU A 127 15.61 -9.24 -14.43
C GLU A 127 14.45 -8.82 -13.52
N GLY A 128 14.43 -7.58 -13.04
CA GLY A 128 13.34 -7.12 -12.20
C GLY A 128 12.14 -6.63 -13.00
N VAL A 129 11.12 -6.16 -12.29
CA VAL A 129 9.90 -5.67 -12.92
C VAL A 129 10.24 -4.51 -13.87
N PRO A 130 9.46 -4.32 -14.93
CA PRO A 130 9.83 -3.34 -15.96
C PRO A 130 9.99 -1.92 -15.45
N GLN A 131 9.21 -1.51 -14.44
CA GLN A 131 9.31 -0.14 -13.97
C GLN A 131 10.66 0.16 -13.33
N PHE A 132 11.36 -0.84 -12.81
CA PHE A 132 12.65 -0.56 -12.17
C PHE A 132 13.63 0.02 -13.18
N ARG A 133 13.82 -0.66 -14.32
CA ARG A 133 14.76 -0.13 -15.30
CA ARG A 133 14.75 -0.13 -15.31
C ARG A 133 14.28 1.20 -15.85
N LEU A 134 12.97 1.43 -15.94
CA LEU A 134 12.48 2.72 -16.40
C LEU A 134 12.84 3.84 -15.42
N VAL A 135 12.69 3.58 -14.12
CA VAL A 135 13.00 4.59 -13.11
C VAL A 135 14.49 4.85 -13.03
N TYR A 136 15.29 3.78 -13.07
CA TYR A 136 16.71 3.88 -12.76
C TYR A 136 17.60 3.79 -14.00
N LYS A 137 17.04 4.01 -15.19
CA LYS A 137 17.83 3.95 -16.42
C LYS A 137 19.06 4.87 -16.36
N GLY A 138 18.94 6.04 -15.75
CA GLY A 138 20.03 6.99 -15.69
C GLY A 138 20.97 6.89 -14.50
N THR A 139 20.84 5.83 -13.72
CA THR A 139 21.55 5.67 -12.45
C THR A 139 22.59 4.57 -12.56
N THR A 140 23.72 4.72 -11.85
CA THR A 140 24.65 3.61 -11.70
C THR A 140 24.90 3.36 -10.22
N VAL A 141 25.21 2.11 -9.91
CA VAL A 141 25.51 1.66 -8.54
C VAL A 141 26.77 0.81 -8.64
N LYS A 142 27.86 1.28 -8.04
CA LYS A 142 29.14 0.64 -8.23
C LYS A 142 29.88 0.47 -6.91
N ALA A 143 30.44 -0.72 -6.71
CA ALA A 143 31.37 -0.94 -5.62
C ALA A 143 32.68 -0.26 -5.97
N ILE A 144 32.99 0.85 -5.29
CA ILE A 144 34.28 1.55 -5.52
C ILE A 144 35.33 1.17 -4.50
N ALA A 145 34.93 0.51 -3.41
CA ALA A 145 35.85 -0.14 -2.48
C ALA A 145 35.08 -1.32 -1.91
N PRO A 146 35.77 -2.23 -1.22
CA PRO A 146 35.05 -3.44 -0.76
C PRO A 146 33.80 -3.14 0.04
N LEU A 147 33.78 -2.05 0.83
CA LEU A 147 32.63 -1.69 1.66
C LEU A 147 32.18 -0.26 1.40
N THR A 148 32.35 0.24 0.18
CA THR A 148 31.82 1.54 -0.21
C THR A 148 31.14 1.38 -1.56
N VAL A 149 29.84 1.71 -1.62
CA VAL A 149 29.06 1.72 -2.85
CA VAL A 149 29.07 1.71 -2.86
C VAL A 149 28.83 3.16 -3.27
N ARG A 150 29.08 3.47 -4.53
CA ARG A 150 28.84 4.81 -5.05
C ARG A 150 27.61 4.77 -5.94
N ILE A 151 26.66 5.66 -5.69
CA ILE A 151 25.46 5.78 -6.51
C ILE A 151 25.51 7.11 -7.23
N GLU A 152 25.35 7.09 -8.56
CA GLU A 152 25.36 8.32 -9.34
C GLU A 152 24.07 8.42 -10.12
N LEU A 153 23.41 9.58 -10.03
CA LEU A 153 22.15 9.86 -10.70
C LEU A 153 22.38 10.86 -11.83
N ALA A 154 21.68 10.69 -12.95
CA ALA A 154 21.84 11.61 -14.07
C ALA A 154 21.15 12.95 -13.84
N LYS A 155 20.22 13.01 -12.89
CA LYS A 155 19.56 14.23 -12.50
C LYS A 155 19.51 14.25 -10.98
N PRO A 156 19.56 15.43 -10.36
CA PRO A 156 19.44 15.50 -8.91
C PRO A 156 18.15 14.82 -8.48
N GLY A 157 18.26 13.91 -7.52
CA GLY A 157 17.12 13.07 -7.17
C GLY A 157 17.21 12.46 -5.78
N LYS A 158 17.10 13.33 -4.77
CA LYS A 158 17.06 12.89 -3.37
C LYS A 158 16.18 11.66 -3.18
N GLU A 159 14.96 11.68 -3.74
CA GLU A 159 14.04 10.57 -3.50
CA GLU A 159 14.03 10.58 -3.52
C GLU A 159 14.45 9.32 -4.26
N ASP A 160 15.01 9.48 -5.47
CA ASP A 160 15.57 8.33 -6.17
C ASP A 160 16.66 7.69 -5.33
N MET A 161 17.48 8.52 -4.70
CA MET A 161 18.59 8.05 -3.88
C MET A 161 18.09 7.32 -2.65
N LEU A 162 17.19 7.97 -1.88
CA LEU A 162 16.64 7.32 -0.70
C LEU A 162 15.85 6.06 -1.06
N SER A 163 15.26 6.00 -2.26
CA SER A 163 14.54 4.80 -2.65
C SER A 163 15.49 3.61 -2.75
N LEU A 164 16.69 3.83 -3.28
CA LEU A 164 17.66 2.73 -3.31
C LEU A 164 18.15 2.35 -1.92
N PHE A 165 18.05 3.24 -0.94
CA PHE A 165 18.35 2.87 0.44
C PHE A 165 17.41 1.79 0.94
N SER A 166 16.23 1.65 0.34
CA SER A 166 15.28 0.61 0.73
C SER A 166 15.31 -0.61 -0.17
N LEU A 167 16.22 -0.66 -1.14
CA LEU A 167 16.38 -1.84 -1.97
C LEU A 167 16.86 -3.01 -1.12
N PRO A 168 16.22 -4.17 -1.19
CA PRO A 168 16.77 -5.35 -0.50
C PRO A 168 18.15 -5.65 -1.07
N VAL A 169 19.11 -5.94 -0.20
CA VAL A 169 20.46 -6.27 -0.69
C VAL A 169 20.58 -7.78 -0.79
N PHE A 170 20.72 -8.27 -2.02
CA PHE A 170 20.76 -9.70 -2.33
C PHE A 170 22.16 -10.27 -2.17
N PRO A 171 22.31 -11.51 -1.70
CA PRO A 171 23.61 -12.19 -1.80
C PRO A 171 23.85 -12.71 -3.21
N GLU A 172 24.90 -12.18 -3.86
CA GLU A 172 25.26 -12.66 -5.19
C GLU A 172 25.51 -14.17 -5.20
N LYS A 173 26.06 -14.73 -4.11
CA LYS A 173 26.41 -16.14 -4.10
C LYS A 173 25.19 -17.04 -4.28
N TYR A 174 24.00 -16.58 -3.87
CA TYR A 174 22.75 -17.31 -4.11
C TYR A 174 22.07 -16.85 -5.41
N TRP A 175 21.90 -15.54 -5.58
CA TRP A 175 21.04 -15.05 -6.65
C TRP A 175 21.66 -15.14 -8.03
N LYS A 176 22.98 -15.37 -8.13
CA LYS A 176 23.54 -15.64 -9.44
C LYS A 176 22.91 -16.87 -10.10
N ASP A 177 22.27 -17.76 -9.32
CA ASP A 177 21.72 -18.99 -9.85
C ASP A 177 20.19 -18.98 -9.93
N HIS A 178 19.54 -17.83 -9.70
CA HIS A 178 18.09 -17.77 -9.78
C HIS A 178 17.70 -16.50 -10.51
N LYS A 179 16.83 -16.64 -11.50
CA LYS A 179 16.35 -15.48 -12.24
C LYS A 179 15.40 -14.69 -11.37
N LEU A 180 15.61 -13.38 -11.30
CA LEU A 180 14.79 -12.55 -10.41
C LEU A 180 13.33 -12.56 -10.84
N SER A 181 13.07 -12.78 -12.14
CA SER A 181 11.71 -12.77 -12.64
C SER A 181 10.95 -14.07 -12.38
N ASP A 182 11.63 -15.13 -11.92
CA ASP A 182 11.02 -16.46 -11.71
C ASP A 182 10.51 -16.60 -10.28
N PRO A 183 9.35 -17.22 -10.10
CA PRO A 183 8.91 -17.60 -8.75
C PRO A 183 9.92 -18.54 -8.11
N LEU A 184 9.94 -18.55 -6.77
CA LEU A 184 10.83 -19.39 -6.00
C LEU A 184 10.00 -20.38 -5.20
N ALA A 185 10.25 -21.68 -5.39
CA ALA A 185 9.54 -22.71 -4.64
C ALA A 185 10.06 -22.86 -3.21
N THR A 186 11.25 -22.35 -2.91
CA THR A 186 11.83 -22.39 -1.58
C THR A 186 12.38 -21.01 -1.26
N PRO A 187 12.54 -20.67 0.02
CA PRO A 187 12.99 -19.33 0.38
C PRO A 187 14.40 -19.06 -0.13
N PRO A 188 14.67 -17.85 -0.57
CA PRO A 188 16.03 -17.48 -0.96
C PRO A 188 16.91 -17.25 0.25
N LEU A 189 18.23 -17.31 0.03
CA LEU A 189 19.16 -16.90 1.07
C LEU A 189 18.94 -15.43 1.39
N ALA A 190 18.77 -15.09 2.67
CA ALA A 190 18.32 -13.75 3.02
C ALA A 190 19.16 -13.23 4.20
N SER A 191 18.64 -12.22 4.92
CA SER A 191 19.45 -11.50 5.90
C SER A 191 18.68 -10.87 7.07
N GLY A 192 17.37 -10.72 6.95
CA GLY A 192 16.63 -9.96 7.93
C GLY A 192 16.49 -10.69 9.26
N PRO A 193 15.84 -10.02 10.21
CA PRO A 193 15.73 -10.56 11.58
C PRO A 193 14.85 -11.80 11.70
N TYR A 194 14.02 -12.11 10.71
CA TYR A 194 13.21 -13.32 10.67
C TYR A 194 13.48 -14.09 9.39
N ARG A 195 13.52 -15.41 9.53
CA ARG A 195 13.83 -16.34 8.44
C ARG A 195 12.75 -17.40 8.33
N VAL A 196 12.33 -17.69 7.11
CA VAL A 196 11.38 -18.79 6.90
C VAL A 196 12.02 -20.10 7.31
N THR A 197 11.35 -20.83 8.20
CA THR A 197 11.88 -22.10 8.65
C THR A 197 10.94 -23.27 8.39
N SER A 198 9.66 -23.04 8.11
CA SER A 198 8.79 -24.10 7.63
C SER A 198 7.63 -23.46 6.88
N TRP A 199 6.96 -24.25 6.06
CA TRP A 199 5.81 -23.76 5.33
C TRP A 199 5.00 -24.95 4.84
N LYS A 200 3.76 -24.65 4.44
CA LYS A 200 2.92 -25.58 3.70
C LYS A 200 2.31 -24.76 2.58
N MET A 201 2.68 -25.09 1.35
CA MET A 201 2.33 -24.23 0.20
C MET A 201 0.82 -24.00 0.14
N GLY A 202 0.43 -22.73 0.05
CA GLY A 202 -0.97 -22.34 0.09
C GLY A 202 -1.63 -22.31 1.45
N GLN A 203 -0.93 -22.73 2.52
CA GLN A 203 -1.60 -22.97 3.80
C GLN A 203 -0.95 -22.19 4.95
N ASN A 204 0.38 -22.24 5.07
CA ASN A 204 1.01 -21.51 6.17
C ASN A 204 2.46 -21.23 5.85
N ILE A 205 3.00 -20.18 6.50
CA ILE A 205 4.43 -19.87 6.50
C ILE A 205 4.83 -19.58 7.93
N VAL A 206 5.95 -20.17 8.36
CA VAL A 206 6.48 -19.96 9.72
C VAL A 206 7.83 -19.26 9.61
N TYR A 207 7.95 -18.09 10.25
CA TYR A 207 9.19 -17.35 10.39
C TYR A 207 9.77 -17.57 11.78
N SER A 208 11.09 -17.80 11.87
CA SER A 208 11.76 -17.87 13.16
C SER A 208 12.69 -16.69 13.34
N ARG A 209 12.76 -16.20 14.58
CA ARG A 209 13.71 -15.16 14.92
C ARG A 209 15.14 -15.66 14.73
N VAL A 210 15.95 -14.85 14.04
CA VAL A 210 17.37 -15.16 13.88
C VAL A 210 18.05 -14.65 15.15
N LYS A 211 18.38 -15.58 16.05
CA LYS A 211 18.73 -15.20 17.41
C LYS A 211 20.15 -14.65 17.53
N ASP A 212 20.97 -14.78 16.48
CA ASP A 212 22.27 -14.12 16.43
C ASP A 212 22.31 -13.10 15.29
N TYR A 213 21.15 -12.54 14.99
CA TYR A 213 21.01 -11.51 13.96
C TYR A 213 22.06 -10.43 14.17
N TRP A 214 22.86 -10.19 13.12
CA TRP A 214 24.04 -9.35 13.29
C TRP A 214 23.69 -7.94 13.73
N ALA A 215 22.53 -7.43 13.28
CA ALA A 215 22.11 -6.06 13.53
C ALA A 215 21.14 -5.95 14.71
N ALA A 216 21.08 -6.97 15.56
CA ALA A 216 20.08 -6.98 16.63
C ALA A 216 20.20 -5.78 17.58
N ASN A 217 21.41 -5.25 17.77
CA ASN A 217 21.63 -4.17 18.72
CA ASN A 217 21.61 -4.17 18.73
C ASN A 217 21.83 -2.80 18.07
N LEU A 218 21.64 -2.70 16.76
CA LEU A 218 21.63 -1.38 16.14
C LEU A 218 20.43 -0.57 16.68
N PRO A 219 20.61 0.74 16.81
CA PRO A 219 19.48 1.58 17.27
C PRO A 219 18.16 1.34 16.56
N VAL A 220 18.14 1.16 15.23
CA VAL A 220 16.87 0.96 14.53
C VAL A 220 16.20 -0.37 14.87
N ASN A 221 16.93 -1.30 15.48
CA ASN A 221 16.37 -2.61 15.80
C ASN A 221 16.16 -2.83 17.29
N ARG A 222 16.65 -1.94 18.15
CA ARG A 222 16.53 -2.14 19.58
C ARG A 222 15.05 -2.12 19.98
N GLY A 223 14.65 -3.11 20.78
CA GLY A 223 13.29 -3.19 21.22
C GLY A 223 12.33 -3.75 20.18
N ARG A 224 12.83 -4.17 19.02
CA ARG A 224 12.00 -4.73 17.96
C ARG A 224 12.38 -6.18 17.70
N TRP A 225 11.51 -6.88 16.95
CA TRP A 225 11.73 -8.26 16.56
C TRP A 225 11.87 -9.14 17.81
N ASN A 226 10.84 -9.12 18.63
CA ASN A 226 10.90 -9.72 19.96
C ASN A 226 10.36 -11.15 19.97
N PHE A 227 9.32 -11.44 19.19
CA PHE A 227 8.75 -12.78 19.15
C PHE A 227 9.73 -13.79 18.56
N ASP A 228 9.77 -14.99 19.14
CA ASP A 228 10.65 -16.02 18.60
C ASP A 228 10.10 -16.64 17.32
N THR A 229 8.78 -16.61 17.15
CA THR A 229 8.12 -17.24 16.01
C THR A 229 7.00 -16.34 15.53
N ILE A 230 6.90 -16.15 14.21
CA ILE A 230 5.77 -15.46 13.60
C ILE A 230 5.20 -16.41 12.55
N ARG A 231 3.96 -16.84 12.76
CA ARG A 231 3.33 -17.81 11.88
C ARG A 231 2.13 -17.18 11.19
N TYR A 232 2.00 -17.41 9.89
CA TYR A 232 0.86 -16.98 9.10
C TYR A 232 0.06 -18.20 8.66
N ASP A 233 -1.21 -18.26 9.03
CA ASP A 233 -2.13 -19.27 8.53
C ASP A 233 -3.04 -18.64 7.49
N TYR A 234 -3.19 -19.31 6.35
CA TYR A 234 -4.01 -18.78 5.27
C TYR A 234 -5.44 -19.25 5.38
N TYR A 235 -6.37 -18.33 5.09
CA TYR A 235 -7.80 -18.62 5.10
C TYR A 235 -8.39 -18.15 3.76
N LEU A 236 -9.20 -19.01 3.14
CA LEU A 236 -9.86 -18.62 1.91
C LEU A 236 -11.01 -17.66 2.15
N ASP A 237 -11.56 -17.64 3.37
CA ASP A 237 -12.81 -16.96 3.66
C ASP A 237 -12.61 -16.13 4.93
N ASP A 238 -12.80 -14.82 4.84
CA ASP A 238 -12.62 -13.97 6.01
C ASP A 238 -13.61 -14.31 7.12
N ASN A 239 -14.81 -14.76 6.78
CA ASN A 239 -15.74 -15.19 7.82
C ASN A 239 -15.22 -16.42 8.55
N VAL A 240 -14.56 -17.33 7.81
CA VAL A 240 -13.93 -18.47 8.46
C VAL A 240 -12.74 -18.00 9.30
N ALA A 241 -11.97 -17.03 8.78
CA ALA A 241 -10.85 -16.49 9.57
C ALA A 241 -11.35 -15.83 10.84
N PHE A 242 -12.45 -15.06 10.77
CA PHE A 242 -12.96 -14.38 11.94
C PHE A 242 -13.41 -15.37 13.01
N GLU A 243 -14.13 -16.42 12.62
CA GLU A 243 -14.56 -17.41 13.61
C GLU A 243 -13.37 -18.18 14.16
N ALA A 244 -12.35 -18.40 13.33
CA ALA A 244 -11.14 -19.05 13.82
C ALA A 244 -10.41 -18.18 14.84
N PHE A 245 -10.35 -16.87 14.58
CA PHE A 245 -9.78 -15.96 15.57
C PHE A 245 -10.49 -16.09 16.92
N LYS A 246 -11.82 -16.03 16.91
CA LYS A 246 -12.57 -16.08 18.15
C LYS A 246 -12.42 -17.41 18.87
N ALA A 247 -12.09 -18.48 18.15
CA ALA A 247 -11.85 -19.79 18.77
C ALA A 247 -10.42 -19.95 19.26
N GLY A 248 -9.56 -18.97 19.00
CA GLY A 248 -8.17 -19.07 19.43
C GLY A 248 -7.21 -19.62 18.42
N ALA A 249 -7.60 -19.67 17.14
CA ALA A 249 -6.74 -20.27 16.13
C ALA A 249 -5.57 -19.36 15.75
N PHE A 250 -5.73 -18.05 15.87
CA PHE A 250 -4.60 -17.13 15.78
C PHE A 250 -4.83 -15.98 16.76
N ASP A 251 -3.82 -15.11 16.89
CA ASP A 251 -3.69 -14.28 18.08
C ASP A 251 -4.18 -12.85 17.90
N LEU A 252 -4.24 -12.35 16.67
CA LEU A 252 -4.43 -10.94 16.42
C LEU A 252 -5.24 -10.79 15.14
N ARG A 253 -6.23 -9.89 15.17
CA ARG A 253 -7.06 -9.63 14.01
C ARG A 253 -7.22 -8.13 13.80
N MET A 254 -6.96 -7.66 12.58
CA MET A 254 -7.36 -6.34 12.14
C MET A 254 -8.74 -6.47 11.52
N GLU A 255 -9.73 -5.81 12.11
CA GLU A 255 -11.11 -5.98 11.68
C GLU A 255 -11.48 -4.93 10.64
N ASN A 256 -11.73 -5.38 9.40
CA ASN A 256 -12.18 -4.49 8.34
C ASN A 256 -13.68 -4.53 8.10
N ASP A 257 -14.40 -5.42 8.77
CA ASP A 257 -15.83 -5.57 8.56
C ASP A 257 -16.60 -4.84 9.66
N ALA A 258 -17.38 -3.83 9.26
CA ALA A 258 -18.08 -3.00 10.25
C ALA A 258 -19.06 -3.81 11.09
N LYS A 259 -19.82 -4.72 10.46
CA LYS A 259 -20.84 -5.45 11.21
C LYS A 259 -20.20 -6.44 12.18
N ASN A 260 -19.09 -7.08 11.78
CA ASN A 260 -18.35 -7.89 12.73
C ASN A 260 -18.02 -7.08 13.98
N TRP A 261 -17.40 -5.92 13.80
CA TRP A 261 -16.95 -5.11 14.93
C TRP A 261 -18.13 -4.71 15.80
N ALA A 262 -19.25 -4.40 15.17
CA ALA A 262 -20.37 -3.84 15.91
C ALA A 262 -21.16 -4.89 16.69
N THR A 263 -21.24 -6.12 16.19
CA THR A 263 -22.20 -7.07 16.73
C THR A 263 -21.63 -8.45 17.05
N ARG A 264 -20.43 -8.80 16.60
CA ARG A 264 -20.01 -10.20 16.63
C ARG A 264 -18.81 -10.47 17.51
N TYR A 265 -18.28 -9.48 18.22
CA TYR A 265 -17.20 -9.71 19.18
C TYR A 265 -17.80 -10.13 20.53
N THR A 266 -18.41 -11.30 20.51
CA THR A 266 -19.17 -11.83 21.63
C THR A 266 -18.80 -13.28 21.86
N GLY A 267 -19.12 -13.78 23.05
CA GLY A 267 -18.73 -15.11 23.48
C GLY A 267 -18.05 -15.07 24.83
N LYS A 268 -17.91 -16.27 25.40
CA LYS A 268 -17.32 -16.33 26.73
C LYS A 268 -15.82 -16.09 26.71
N ASN A 269 -15.17 -16.27 25.55
CA ASN A 269 -13.77 -15.85 25.44
C ASN A 269 -13.65 -14.34 25.60
N PHE A 270 -14.67 -13.59 25.18
CA PHE A 270 -14.74 -12.17 25.47
C PHE A 270 -15.19 -11.90 26.90
N ASP A 271 -16.19 -12.64 27.38
CA ASP A 271 -16.65 -12.44 28.75
C ASP A 271 -15.56 -12.79 29.76
N LYS A 272 -14.77 -13.84 29.48
CA LYS A 272 -13.62 -14.17 30.33
C LYS A 272 -12.44 -13.23 30.11
N LYS A 273 -12.56 -12.25 29.21
CA LYS A 273 -11.55 -11.22 28.99
C LYS A 273 -10.25 -11.82 28.45
N TYR A 274 -10.35 -12.93 27.72
CA TYR A 274 -9.18 -13.48 27.05
C TYR A 274 -8.79 -12.64 25.84
N ILE A 275 -9.75 -11.91 25.26
CA ILE A 275 -9.54 -11.16 24.03
C ILE A 275 -9.76 -9.68 24.32
N ILE A 276 -8.82 -8.87 23.87
CA ILE A 276 -8.80 -7.41 24.02
C ILE A 276 -9.26 -6.79 22.72
N LYS A 277 -10.07 -5.73 22.80
CA LYS A 277 -10.44 -4.92 21.63
CA LYS A 277 -10.45 -4.91 21.64
C LYS A 277 -9.86 -3.51 21.81
N ASP A 278 -9.31 -2.96 20.72
CA ASP A 278 -8.77 -1.62 20.77
C ASP A 278 -9.19 -0.86 19.52
N GLU A 279 -9.59 0.40 19.70
CA GLU A 279 -9.85 1.32 18.59
C GLU A 279 -8.83 2.45 18.69
N GLN A 280 -7.80 2.40 17.85
CA GLN A 280 -6.72 3.37 17.86
C GLN A 280 -7.01 4.41 16.77
N LYS A 281 -7.45 5.60 17.18
CA LYS A 281 -7.64 6.69 16.23
C LYS A 281 -6.29 7.14 15.69
N ASN A 282 -6.30 7.61 14.45
CA ASN A 282 -5.08 8.16 13.88
C ASN A 282 -5.40 9.40 13.05
N GLU A 283 -4.53 10.40 13.14
CA GLU A 283 -4.71 11.68 12.48
C GLU A 283 -3.81 11.82 11.26
N SER A 284 -3.21 10.73 10.80
CA SER A 284 -2.21 10.74 9.75
C SER A 284 -2.83 10.35 8.41
N ALA A 285 -1.98 10.30 7.39
CA ALA A 285 -2.40 9.84 6.06
C ALA A 285 -3.09 8.49 6.14
N GLN A 286 -4.11 8.31 5.31
CA GLN A 286 -5.04 7.20 5.41
C GLN A 286 -5.08 6.42 4.11
N ASP A 287 -4.98 5.09 4.19
CA ASP A 287 -5.38 4.23 3.07
C ASP A 287 -6.82 4.53 2.72
N THR A 288 -7.14 4.46 1.41
CA THR A 288 -8.51 4.69 0.95
C THR A 288 -8.92 3.62 -0.04
N ARG A 289 -10.21 3.28 -0.01
CA ARG A 289 -10.77 2.31 -0.95
CA ARG A 289 -10.77 2.31 -0.95
C ARG A 289 -11.49 3.04 -2.08
N TRP A 290 -11.33 2.50 -3.30
CA TRP A 290 -11.95 3.00 -4.51
C TRP A 290 -12.41 1.82 -5.35
N LEU A 291 -13.32 2.08 -6.29
CA LEU A 291 -13.61 1.16 -7.40
C LEU A 291 -12.96 1.73 -8.66
N ALA A 292 -11.98 1.02 -9.20
CA ALA A 292 -11.30 1.52 -10.39
C ALA A 292 -12.21 1.35 -11.61
N PHE A 293 -12.38 2.41 -12.40
CA PHE A 293 -12.93 2.29 -13.74
C PHE A 293 -11.77 2.00 -14.69
N ASN A 294 -11.87 0.92 -15.48
CA ASN A 294 -10.92 0.72 -16.58
C ASN A 294 -11.32 1.64 -17.74
N ILE A 295 -10.68 2.81 -17.84
CA ILE A 295 -11.08 3.78 -18.86
C ILE A 295 -10.53 3.45 -20.24
N GLN A 296 -9.75 2.38 -20.36
CA GLN A 296 -9.38 1.89 -21.68
C GLN A 296 -10.47 1.01 -22.30
N ARG A 297 -11.47 0.62 -21.53
CA ARG A 297 -12.60 -0.13 -22.06
C ARG A 297 -13.68 0.84 -22.52
N PRO A 298 -14.26 0.63 -23.71
CA PRO A 298 -15.27 1.59 -24.20
C PRO A 298 -16.37 1.93 -23.20
N VAL A 299 -16.84 0.96 -22.40
CA VAL A 299 -17.97 1.23 -21.51
C VAL A 299 -17.64 2.36 -20.53
N PHE A 300 -16.36 2.53 -20.17
CA PHE A 300 -15.98 3.56 -19.19
C PHE A 300 -15.09 4.64 -19.80
N SER A 301 -15.07 4.79 -21.13
CA SER A 301 -14.22 5.79 -21.75
C SER A 301 -14.73 7.23 -21.58
N ASP A 302 -16.02 7.40 -21.31
CA ASP A 302 -16.66 8.72 -21.22
C ASP A 302 -16.78 9.14 -19.77
N ARG A 303 -16.15 10.26 -19.42
CA ARG A 303 -16.23 10.81 -18.07
C ARG A 303 -17.67 10.95 -17.58
N ARG A 304 -18.61 11.24 -18.48
CA ARG A 304 -20.01 11.37 -18.06
C ARG A 304 -20.58 10.04 -17.59
N VAL A 305 -20.19 8.93 -18.22
CA VAL A 305 -20.68 7.63 -17.79
C VAL A 305 -20.10 7.27 -16.42
N ARG A 306 -18.81 7.58 -16.22
CA ARG A 306 -18.21 7.35 -14.91
C ARG A 306 -18.87 8.19 -13.83
N GLU A 307 -19.22 9.43 -14.16
CA GLU A 307 -19.93 10.28 -13.21
C GLU A 307 -21.31 9.72 -12.89
N ALA A 308 -22.03 9.25 -13.90
CA ALA A 308 -23.36 8.69 -13.68
C ALA A 308 -23.30 7.45 -12.81
N ILE A 309 -22.35 6.55 -13.08
CA ILE A 309 -22.27 5.35 -12.27
C ILE A 309 -21.87 5.69 -10.83
N THR A 310 -21.05 6.73 -10.65
CA THR A 310 -20.71 7.18 -9.30
C THR A 310 -21.94 7.72 -8.57
N LEU A 311 -22.85 8.39 -9.30
CA LEU A 311 -24.07 8.89 -8.68
C LEU A 311 -24.99 7.77 -8.20
N ALA A 312 -24.84 6.57 -8.77
CA ALA A 312 -25.68 5.43 -8.44
C ALA A 312 -25.21 4.68 -7.19
N PHE A 313 -24.04 5.05 -6.65
CA PHE A 313 -23.43 4.38 -5.51
C PHE A 313 -23.91 5.14 -4.27
N ASP A 314 -24.87 4.55 -3.54
CA ASP A 314 -25.52 5.26 -2.43
C ASP A 314 -24.75 4.93 -1.15
N PHE A 315 -23.70 5.69 -0.89
CA PHE A 315 -22.88 5.46 0.29
C PHE A 315 -23.66 5.71 1.58
N GLU A 316 -24.49 6.76 1.62
CA GLU A 316 -25.20 7.06 2.86
C GLU A 316 -26.13 5.92 3.25
N TRP A 317 -26.82 5.34 2.26
CA TRP A 317 -27.65 4.18 2.57
C TRP A 317 -26.80 3.01 3.02
N MET A 318 -25.70 2.72 2.31
CA MET A 318 -24.84 1.59 2.68
C MET A 318 -24.32 1.75 4.11
N ASN A 319 -23.79 2.93 4.43
CA ASN A 319 -23.21 3.15 5.75
C ASN A 319 -24.22 2.90 6.86
N LYS A 320 -25.42 3.47 6.70
CA LYS A 320 -26.45 3.40 7.73
C LYS A 320 -27.05 2.00 7.83
N ALA A 321 -27.34 1.38 6.69
CA ALA A 321 -28.06 0.12 6.69
C ALA A 321 -27.16 -1.09 6.84
N LEU A 322 -25.93 -1.04 6.33
CA LEU A 322 -25.05 -2.19 6.36
C LEU A 322 -23.88 -2.04 7.32
N PHE A 323 -23.40 -0.82 7.54
CA PHE A 323 -22.06 -0.64 8.13
C PHE A 323 -22.07 0.11 9.46
N TYR A 324 -23.23 0.26 10.11
CA TYR A 324 -23.32 0.88 11.43
C TYR A 324 -22.70 2.28 11.44
N ASN A 325 -22.80 2.94 10.29
CA ASN A 325 -22.22 4.27 10.05
C ASN A 325 -20.75 4.35 10.45
N ALA A 326 -20.02 3.22 10.30
CA ALA A 326 -18.62 3.20 10.71
C ALA A 326 -17.71 3.96 9.77
N TRP A 327 -18.08 4.07 8.49
CA TRP A 327 -17.15 4.54 7.48
C TRP A 327 -17.28 6.03 7.22
N SER A 328 -16.19 6.60 6.72
CA SER A 328 -16.15 7.94 6.16
C SER A 328 -15.95 7.82 4.65
N ARG A 329 -16.51 8.76 3.91
CA ARG A 329 -16.40 8.69 2.46
C ARG A 329 -15.00 9.08 2.02
N THR A 330 -14.38 8.23 1.20
CA THR A 330 -13.16 8.60 0.49
C THR A 330 -13.40 9.85 -0.34
N ASN A 331 -12.48 10.83 -0.24
CA ASN A 331 -12.62 11.95 -1.17
C ASN A 331 -11.31 12.59 -1.60
N SER A 332 -10.17 11.93 -1.46
CA SER A 332 -8.94 12.57 -1.89
C SER A 332 -7.87 11.50 -2.06
N TYR A 333 -6.92 11.77 -2.94
CA TYR A 333 -5.77 10.89 -3.08
C TYR A 333 -4.64 11.27 -2.13
N PHE A 334 -4.83 12.31 -1.33
CA PHE A 334 -3.96 12.61 -0.20
C PHE A 334 -4.80 12.74 1.06
N GLN A 335 -5.64 11.73 1.29
CA GLN A 335 -6.63 11.79 2.37
C GLN A 335 -6.00 12.09 3.73
N ASN A 336 -6.60 13.07 4.42
CA ASN A 336 -6.25 13.43 5.80
C ASN A 336 -4.87 14.04 5.90
N THR A 337 -4.36 14.62 4.82
CA THR A 337 -3.10 15.35 4.85
C THR A 337 -3.30 16.77 4.35
N GLU A 338 -2.21 17.55 4.46
CA GLU A 338 -2.16 18.92 3.96
C GLU A 338 -2.34 19.03 2.45
N TYR A 339 -2.13 17.95 1.72
CA TYR A 339 -2.12 17.98 0.27
C TYR A 339 -3.48 17.68 -0.34
N ALA A 340 -4.47 17.35 0.49
CA ALA A 340 -5.83 17.15 0.00
C ALA A 340 -6.43 18.48 -0.42
N ALA A 341 -7.07 18.50 -1.60
CA ALA A 341 -7.66 19.71 -2.14
C ALA A 341 -9.04 19.96 -1.52
N ARG A 342 -9.03 20.34 -0.24
CA ARG A 342 -10.24 20.54 0.56
C ARG A 342 -10.83 21.93 0.44
N ASN A 343 -10.09 22.89 -0.11
CA ASN A 343 -10.54 24.25 -0.27
C ASN A 343 -10.50 24.59 -1.76
N TYR A 344 -11.03 25.76 -2.10
CA TYR A 344 -10.90 26.25 -3.48
C TYR A 344 -9.42 26.46 -3.80
N PRO A 345 -9.05 26.38 -5.09
CA PRO A 345 -7.63 26.61 -5.45
C PRO A 345 -7.17 28.00 -5.05
N ASP A 346 -5.95 28.08 -4.51
CA ASP A 346 -5.36 29.37 -4.22
C ASP A 346 -4.59 29.88 -5.43
N ALA A 347 -3.95 31.04 -5.28
CA ALA A 347 -3.29 31.67 -6.41
C ALA A 347 -2.20 30.79 -7.00
N ALA A 348 -1.38 30.16 -6.15
CA ALA A 348 -0.31 29.30 -6.66
C ALA A 348 -0.87 28.12 -7.43
N GLU A 349 -1.97 27.53 -6.94
CA GLU A 349 -2.59 26.43 -7.67
C GLU A 349 -3.12 26.89 -9.02
N LEU A 350 -3.74 28.07 -9.07
CA LEU A 350 -4.24 28.59 -10.34
C LEU A 350 -3.10 28.82 -11.33
N VAL A 351 -1.92 29.21 -10.85
CA VAL A 351 -0.77 29.37 -11.72
C VAL A 351 -0.40 28.03 -12.35
N LEU A 352 -0.47 26.95 -11.57
CA LEU A 352 -0.11 25.64 -12.09
C LEU A 352 -1.18 25.09 -13.03
N LEU A 353 -2.44 25.42 -12.79
CA LEU A 353 -3.52 24.77 -13.52
C LEU A 353 -4.01 25.55 -14.74
N ALA A 354 -4.02 26.88 -14.67
CA ALA A 354 -4.55 27.70 -15.76
C ALA A 354 -3.94 27.36 -17.13
N PRO A 355 -2.65 27.08 -17.28
CA PRO A 355 -2.14 26.72 -18.63
C PRO A 355 -2.77 25.47 -19.22
N MET A 356 -3.41 24.62 -18.43
CA MET A 356 -3.97 23.37 -18.91
C MET A 356 -5.49 23.38 -18.95
N LYS A 357 -6.11 24.57 -18.89
CA LYS A 357 -7.55 24.64 -18.67
C LYS A 357 -8.33 24.01 -19.82
N LYS A 358 -7.77 24.05 -21.03
CA LYS A 358 -8.41 23.40 -22.17
C LYS A 358 -8.61 21.91 -21.94
N ASP A 359 -7.77 21.29 -21.12
CA ASP A 359 -7.80 19.85 -20.90
C ASP A 359 -8.23 19.48 -19.50
N LEU A 360 -8.91 20.38 -18.78
CA LEU A 360 -9.34 20.12 -17.42
C LEU A 360 -10.84 20.27 -17.32
N PRO A 361 -11.50 19.43 -16.51
CA PRO A 361 -12.89 19.72 -16.14
C PRO A 361 -12.98 21.10 -15.50
N SER A 362 -14.00 21.86 -15.88
CA SER A 362 -14.09 23.24 -15.41
C SER A 362 -14.25 23.31 -13.89
N GLU A 363 -14.84 22.27 -13.29
CA GLU A 363 -15.02 22.20 -11.84
C GLU A 363 -13.72 22.27 -11.08
N VAL A 364 -12.61 21.88 -11.72
CA VAL A 364 -11.30 21.99 -11.08
C VAL A 364 -11.09 23.41 -10.57
N PHE A 365 -11.54 24.40 -11.33
CA PHE A 365 -11.38 25.80 -10.93
C PHE A 365 -12.53 26.33 -10.09
N THR A 366 -13.74 25.81 -10.26
CA THR A 366 -14.91 26.48 -9.70
C THR A 366 -15.48 25.82 -8.45
N GLN A 367 -15.12 24.58 -8.13
CA GLN A 367 -15.80 23.87 -7.06
C GLN A 367 -14.81 23.05 -6.24
N ILE A 368 -15.24 22.71 -5.04
CA ILE A 368 -14.52 21.78 -4.18
C ILE A 368 -15.07 20.38 -4.42
N TYR A 369 -14.19 19.43 -4.72
CA TYR A 369 -14.64 18.08 -5.04
C TYR A 369 -15.35 17.44 -3.86
N GLN A 370 -16.53 16.89 -4.12
CA GLN A 370 -17.28 16.17 -3.10
C GLN A 370 -17.98 15.00 -3.76
N PRO A 371 -17.67 13.76 -3.40
CA PRO A 371 -18.43 12.62 -3.94
C PRO A 371 -19.92 12.79 -3.65
N PRO A 372 -20.79 12.18 -4.46
CA PRO A 372 -22.23 12.38 -4.28
C PRO A 372 -22.69 12.01 -2.87
N VAL A 373 -23.62 12.81 -2.35
CA VAL A 373 -24.28 12.56 -1.08
C VAL A 373 -25.73 12.25 -1.37
N SER A 374 -26.23 11.18 -0.77
CA SER A 374 -27.62 10.75 -0.93
C SER A 374 -28.41 11.05 0.33
N LYS A 375 -29.73 11.13 0.17
CA LYS A 375 -30.58 11.20 1.35
C LYS A 375 -30.47 9.95 2.21
N GLY A 376 -29.95 8.86 1.65
CA GLY A 376 -29.68 7.66 2.42
C GLY A 376 -30.80 6.63 2.43
N ASP A 377 -31.68 6.63 1.41
CA ASP A 377 -32.77 5.66 1.34
C ASP A 377 -32.70 4.77 0.10
N GLY A 378 -31.61 4.86 -0.66
CA GLY A 378 -31.42 4.05 -1.85
C GLY A 378 -32.06 4.60 -3.09
N TYR A 379 -32.86 5.66 -2.98
CA TYR A 379 -33.62 6.19 -4.08
C TYR A 379 -33.48 7.72 -4.11
N ASP A 380 -32.24 8.21 -4.14
CA ASP A 380 -32.05 9.65 -4.18
C ASP A 380 -32.46 10.17 -5.56
N ARG A 381 -33.57 10.90 -5.59
CA ARG A 381 -34.18 11.29 -6.85
C ARG A 381 -33.27 12.23 -7.64
N ASP A 382 -32.76 13.27 -6.97
CA ASP A 382 -31.86 14.20 -7.65
C ASP A 382 -30.67 13.48 -8.26
N ASN A 383 -29.99 12.63 -7.48
CA ASN A 383 -28.79 11.97 -7.98
C ASN A 383 -29.12 11.04 -9.14
N LEU A 384 -30.22 10.30 -9.04
CA LEU A 384 -30.55 9.34 -10.09
C LEU A 384 -31.08 10.03 -11.34
N LEU A 385 -31.78 11.16 -11.21
CA LEU A 385 -32.18 11.89 -12.41
C LEU A 385 -30.96 12.50 -13.11
N LYS A 386 -30.01 13.01 -12.33
CA LYS A 386 -28.78 13.52 -12.92
C LYS A 386 -27.99 12.41 -13.60
N ALA A 387 -27.97 11.21 -13.00
CA ALA A 387 -27.32 10.08 -13.65
C ALA A 387 -27.96 9.78 -15.00
N ASP A 388 -29.30 9.77 -15.03
CA ASP A 388 -30.00 9.51 -16.29
C ASP A 388 -29.68 10.55 -17.35
N LYS A 389 -29.62 11.83 -16.97
CA LYS A 389 -29.32 12.88 -17.93
C LYS A 389 -27.89 12.78 -18.44
N LEU A 390 -26.93 12.49 -17.55
CA LEU A 390 -25.56 12.29 -17.99
C LEU A 390 -25.46 11.11 -18.94
N LEU A 391 -26.16 10.02 -18.64
CA LEU A 391 -26.14 8.86 -19.53
C LEU A 391 -26.74 9.22 -20.89
N ASN A 392 -27.91 9.87 -20.89
CA ASN A 392 -28.52 10.33 -22.12
C ASN A 392 -27.54 11.16 -22.94
N GLU A 393 -26.93 12.17 -22.32
CA GLU A 393 -26.02 13.05 -23.06
C GLU A 393 -24.83 12.30 -23.61
N ALA A 394 -24.42 11.21 -22.95
CA ALA A 394 -23.31 10.38 -23.41
C ALA A 394 -23.72 9.38 -24.48
N GLY A 395 -24.98 9.40 -24.92
CA GLY A 395 -25.45 8.49 -25.94
C GLY A 395 -25.96 7.16 -25.43
N TRP A 396 -26.26 7.05 -24.14
CA TRP A 396 -26.79 5.83 -23.53
C TRP A 396 -28.22 6.13 -23.09
N VAL A 397 -29.19 5.66 -23.87
CA VAL A 397 -30.59 6.03 -23.68
C VAL A 397 -31.40 4.81 -23.29
N LEU A 398 -32.58 5.07 -22.71
CA LEU A 398 -33.47 4.01 -22.29
C LEU A 398 -34.26 3.47 -23.47
N LYS A 399 -34.28 2.16 -23.62
CA LYS A 399 -35.16 1.48 -24.56
C LYS A 399 -36.00 0.53 -23.71
N GLY A 400 -37.24 0.91 -23.45
CA GLY A 400 -38.01 0.26 -22.42
C GLY A 400 -37.39 0.55 -21.07
N GLN A 401 -37.00 -0.48 -20.32
CA GLN A 401 -36.32 -0.29 -19.05
C GLN A 401 -34.82 -0.53 -19.13
N GLN A 402 -34.28 -0.73 -20.33
CA GLN A 402 -32.89 -1.14 -20.51
C GLN A 402 -32.08 0.02 -21.10
N ARG A 403 -30.91 0.27 -20.54
CA ARG A 403 -30.03 1.32 -21.02
C ARG A 403 -29.21 0.79 -22.21
N VAL A 404 -29.36 1.42 -23.37
CA VAL A 404 -28.70 0.96 -24.59
C VAL A 404 -28.02 2.12 -25.29
N ASN A 405 -26.99 1.79 -26.07
CA ASN A 405 -26.28 2.77 -26.87
C ASN A 405 -27.19 3.34 -27.95
N ALA A 406 -27.26 4.67 -28.02
CA ALA A 406 -28.21 5.32 -28.92
C ALA A 406 -27.93 5.01 -30.39
N THR A 407 -26.69 4.65 -30.71
CA THR A 407 -26.33 4.28 -32.08
C THR A 407 -26.48 2.78 -32.32
N THR A 408 -25.70 1.97 -31.60
CA THR A 408 -25.59 0.54 -31.86
C THR A 408 -26.69 -0.31 -31.23
N GLY A 409 -27.40 0.23 -30.23
CA GLY A 409 -28.39 -0.57 -29.54
C GLY A 409 -27.81 -1.56 -28.55
N GLN A 410 -26.50 -1.53 -28.33
CA GLN A 410 -25.87 -2.44 -27.39
C GLN A 410 -26.30 -2.07 -25.97
N PRO A 411 -26.70 -3.04 -25.15
CA PRO A 411 -26.96 -2.74 -23.73
C PRO A 411 -25.71 -2.23 -23.03
N LEU A 412 -25.91 -1.30 -22.10
CA LEU A 412 -24.82 -0.87 -21.22
C LEU A 412 -24.66 -1.93 -20.14
N SER A 413 -23.53 -2.63 -20.16
CA SER A 413 -23.28 -3.71 -19.24
C SER A 413 -21.80 -3.76 -18.97
N PHE A 414 -21.43 -4.09 -17.74
CA PHE A 414 -20.03 -4.24 -17.38
C PHE A 414 -19.94 -5.26 -16.27
N GLU A 415 -18.72 -5.72 -16.02
CA GLU A 415 -18.45 -6.77 -15.04
C GLU A 415 -17.71 -6.18 -13.85
N LEU A 416 -18.20 -6.48 -12.66
CA LEU A 416 -17.48 -6.14 -11.43
C LEU A 416 -16.69 -7.36 -11.00
N LEU A 417 -15.35 -7.24 -11.01
CA LEU A 417 -14.46 -8.30 -10.57
C LEU A 417 -14.17 -8.17 -9.07
N LEU A 418 -14.37 -9.26 -8.31
CA LEU A 418 -14.27 -9.25 -6.85
C LEU A 418 -13.41 -10.39 -6.33
N PRO A 419 -12.61 -10.16 -5.29
CA PRO A 419 -11.97 -11.28 -4.60
C PRO A 419 -13.00 -12.08 -3.82
N ALA A 420 -12.95 -13.41 -3.99
CA ALA A 420 -13.88 -14.26 -3.26
C ALA A 420 -13.65 -14.19 -1.75
N SER A 421 -12.44 -13.82 -1.31
CA SER A 421 -12.15 -13.84 0.12
C SER A 421 -12.82 -12.70 0.88
N SER A 422 -13.22 -11.64 0.21
CA SER A 422 -13.69 -10.43 0.87
C SER A 422 -15.19 -10.49 1.11
N ASN A 423 -15.62 -9.93 2.25
CA ASN A 423 -17.02 -9.58 2.41
C ASN A 423 -17.33 -8.41 1.49
N SER A 424 -18.48 -8.48 0.82
CA SER A 424 -18.84 -7.46 -0.15
C SER A 424 -20.36 -7.21 -0.09
N GLN A 425 -20.83 -6.81 1.09
CA GLN A 425 -22.27 -6.63 1.29
C GLN A 425 -22.82 -5.42 0.53
N TRP A 426 -21.95 -4.55 0.01
CA TRP A 426 -22.42 -3.40 -0.74
C TRP A 426 -22.74 -3.74 -2.20
N VAL A 427 -22.46 -4.98 -2.63
CA VAL A 427 -22.45 -5.26 -4.07
C VAL A 427 -23.85 -5.35 -4.65
N LEU A 428 -24.74 -6.16 -4.04
CA LEU A 428 -26.11 -6.22 -4.54
C LEU A 428 -26.84 -4.87 -4.44
N PRO A 429 -26.71 -4.11 -3.35
CA PRO A 429 -27.30 -2.75 -3.37
C PRO A 429 -26.83 -1.89 -4.54
N PHE A 430 -25.54 -1.94 -4.87
CA PHE A 430 -25.04 -1.19 -6.02
C PHE A 430 -25.62 -1.74 -7.32
N GLN A 431 -25.66 -3.06 -7.45
CA GLN A 431 -26.22 -3.68 -8.65
C GLN A 431 -27.69 -3.30 -8.81
N HIS A 432 -28.43 -3.24 -7.70
CA HIS A 432 -29.85 -2.86 -7.75
C HIS A 432 -30.04 -1.41 -8.20
N SER A 433 -29.24 -0.49 -7.65
CA SER A 433 -29.30 0.90 -8.08
CA SER A 433 -29.30 0.90 -8.07
C SER A 433 -29.01 1.03 -9.56
N LEU A 434 -27.99 0.31 -10.05
CA LEU A 434 -27.69 0.35 -11.48
C LEU A 434 -28.83 -0.20 -12.32
N GLN A 435 -29.47 -1.31 -11.87
CA GLN A 435 -30.61 -1.86 -12.58
CA GLN A 435 -30.60 -1.87 -12.60
C GLN A 435 -31.70 -0.82 -12.76
N ARG A 436 -31.89 0.03 -11.76
CA ARG A 436 -32.90 1.06 -11.83
C ARG A 436 -32.51 2.22 -12.73
N LEU A 437 -31.28 2.23 -13.23
CA LEU A 437 -30.92 3.09 -14.33
C LEU A 437 -30.89 2.34 -15.66
N GLY A 438 -31.27 1.06 -15.66
CA GLY A 438 -31.24 0.27 -16.87
C GLY A 438 -29.90 -0.34 -17.20
N ILE A 439 -28.98 -0.36 -16.24
CA ILE A 439 -27.60 -0.81 -16.42
C ILE A 439 -27.43 -2.18 -15.78
N ASN A 440 -26.79 -3.10 -16.51
CA ASN A 440 -26.50 -4.44 -16.03
C ASN A 440 -25.07 -4.48 -15.51
N MET A 441 -24.88 -4.89 -14.26
CA MET A 441 -23.54 -5.13 -13.72
C MET A 441 -23.46 -6.61 -13.37
N ASP A 442 -22.60 -7.34 -14.08
CA ASP A 442 -22.37 -8.74 -13.75
C ASP A 442 -21.35 -8.80 -12.62
N ILE A 443 -21.54 -9.76 -11.71
CA ILE A 443 -20.68 -9.92 -10.55
C ILE A 443 -19.85 -11.18 -10.74
N ARG A 444 -18.51 -11.03 -10.71
CA ARG A 444 -17.62 -12.16 -10.92
C ARG A 444 -16.66 -12.25 -9.73
N LYS A 445 -16.90 -13.22 -8.84
CA LYS A 445 -16.01 -13.47 -7.72
C LYS A 445 -15.02 -14.57 -8.13
N VAL A 446 -13.74 -14.33 -7.89
CA VAL A 446 -12.68 -15.24 -8.34
C VAL A 446 -11.71 -15.47 -7.20
N ASP A 447 -10.88 -16.50 -7.35
CA ASP A 447 -9.95 -16.88 -6.30
C ASP A 447 -8.77 -15.92 -6.25
N ASN A 448 -7.94 -16.09 -5.22
CA ASN A 448 -6.89 -15.13 -4.90
C ASN A 448 -5.85 -15.02 -6.01
N SER A 449 -5.47 -16.15 -6.62
CA SER A 449 -4.45 -16.09 -7.66
C SER A 449 -5.01 -15.46 -8.93
N GLN A 450 -6.23 -15.83 -9.33
CA GLN A 450 -6.86 -15.22 -10.50
C GLN A 450 -7.01 -13.71 -10.35
N ILE A 451 -7.45 -13.23 -9.17
CA ILE A 451 -7.65 -11.79 -9.01
C ILE A 451 -6.31 -11.06 -9.04
N THR A 452 -5.25 -11.69 -8.52
CA THR A 452 -3.93 -11.08 -8.59
C THR A 452 -3.46 -10.94 -10.04
N ASN A 453 -3.59 -12.00 -10.83
CA ASN A 453 -3.22 -11.94 -12.23
C ASN A 453 -4.07 -10.91 -12.98
N ARG A 454 -5.39 -10.93 -12.77
CA ARG A 454 -6.25 -10.02 -13.53
C ARG A 454 -6.02 -8.58 -13.10
N MET A 455 -5.81 -8.34 -11.79
CA MET A 455 -5.52 -6.99 -11.33
CA MET A 455 -5.53 -6.99 -11.34
C MET A 455 -4.27 -6.45 -12.01
N ARG A 456 -3.23 -7.28 -12.07
CA ARG A 456 -1.94 -6.86 -12.61
C ARG A 456 -2.05 -6.46 -14.08
N SER A 457 -2.84 -7.20 -14.86
CA SER A 457 -3.01 -6.90 -16.27
C SER A 457 -4.17 -5.94 -16.54
N ARG A 458 -4.85 -5.45 -15.50
CA ARG A 458 -6.04 -4.60 -15.67
C ARG A 458 -7.12 -5.33 -16.49
N ASP A 459 -7.24 -6.63 -16.26
CA ASP A 459 -8.22 -7.45 -16.98
C ASP A 459 -9.54 -7.41 -16.21
N TYR A 460 -10.15 -6.23 -16.23
CA TYR A 460 -11.43 -5.98 -15.58
C TYR A 460 -12.07 -4.75 -16.20
N ASP A 461 -13.40 -4.70 -16.11
CA ASP A 461 -14.10 -3.45 -16.32
C ASP A 461 -13.99 -2.58 -15.09
N MET A 462 -14.35 -3.14 -13.94
CA MET A 462 -14.27 -2.46 -12.66
C MET A 462 -13.78 -3.44 -11.61
N MET A 463 -12.97 -2.97 -10.67
CA MET A 463 -12.60 -3.82 -9.53
C MET A 463 -12.20 -2.93 -8.36
N PRO A 464 -12.39 -3.38 -7.12
CA PRO A 464 -11.97 -2.57 -5.98
C PRO A 464 -10.46 -2.51 -5.86
N ARG A 465 -9.96 -1.33 -5.48
CA ARG A 465 -8.54 -1.13 -5.30
C ARG A 465 -8.33 -0.31 -4.04
N VAL A 466 -7.20 -0.52 -3.39
CA VAL A 466 -6.79 0.30 -2.25
C VAL A 466 -5.73 1.28 -2.75
N TRP A 467 -5.96 2.57 -2.48
CA TRP A 467 -4.93 3.58 -2.71
C TRP A 467 -4.22 3.78 -1.37
N ARG A 468 -2.97 3.32 -1.28
CA ARG A 468 -2.31 3.34 0.01
C ARG A 468 -1.98 4.77 0.42
N ALA A 469 -1.94 5.00 1.72
CA ALA A 469 -1.68 6.32 2.28
C ALA A 469 -0.42 6.93 1.68
N MET A 470 -0.54 8.14 1.16
CA MET A 470 0.64 8.87 0.69
C MET A 470 0.78 10.17 1.46
N PRO A 471 1.74 10.25 2.39
CA PRO A 471 1.79 11.40 3.30
C PRO A 471 2.26 12.70 2.65
N TRP A 472 2.93 12.64 1.51
CA TRP A 472 3.31 13.83 0.73
C TRP A 472 3.31 13.43 -0.74
N PRO A 473 3.32 14.40 -1.66
CA PRO A 473 3.38 14.03 -3.08
C PRO A 473 4.76 13.51 -3.44
N SER A 474 4.90 12.19 -3.43
CA SER A 474 6.13 11.46 -3.70
C SER A 474 6.38 11.28 -5.19
N SER A 475 7.66 11.17 -5.56
CA SER A 475 8.00 10.81 -6.94
C SER A 475 7.43 9.46 -7.32
N ASP A 476 7.09 8.60 -6.35
CA ASP A 476 6.43 7.33 -6.64
C ASP A 476 5.06 7.52 -7.27
N LEU A 477 4.48 8.73 -7.23
CA LEU A 477 3.22 8.96 -7.93
C LEU A 477 3.32 8.57 -9.40
N GLN A 478 4.52 8.71 -9.98
CA GLN A 478 4.66 8.42 -11.40
C GLN A 478 4.39 6.94 -11.71
N ILE A 479 4.73 6.04 -10.79
CA ILE A 479 4.51 4.61 -11.03
C ILE A 479 3.02 4.32 -11.17
N SER A 480 2.20 4.99 -10.36
CA SER A 480 0.78 4.70 -10.35
C SER A 480 -0.01 5.52 -11.37
N TRP A 481 0.54 6.63 -11.87
CA TRP A 481 -0.28 7.56 -12.64
C TRP A 481 0.33 8.05 -13.95
N SER A 482 1.65 8.09 -14.08
CA SER A 482 2.24 8.68 -15.28
C SER A 482 2.19 7.73 -16.48
N SER A 483 2.02 8.34 -17.66
CA SER A 483 1.83 7.59 -18.91
C SER A 483 2.85 6.49 -19.11
N GLU A 484 4.14 6.78 -18.87
CA GLU A 484 5.21 5.82 -19.16
CA GLU A 484 5.20 5.82 -19.16
C GLU A 484 5.14 4.59 -18.27
N TYR A 485 4.50 4.68 -17.10
CA TYR A 485 4.44 3.56 -16.15
C TYR A 485 3.10 2.81 -16.19
N ILE A 486 2.36 2.94 -17.30
CA ILE A 486 1.05 2.36 -17.48
C ILE A 486 1.01 0.87 -17.15
N ASN A 487 2.11 0.15 -17.40
CA ASN A 487 2.13 -1.29 -17.19
C ASN A 487 2.78 -1.69 -15.87
N SER A 488 2.87 -0.77 -14.91
CA SER A 488 3.59 -1.06 -13.68
C SER A 488 2.86 -2.04 -12.78
N THR A 489 1.57 -2.26 -13.03
CA THR A 489 0.52 -2.97 -12.25
C THR A 489 -0.08 -2.05 -11.20
N TYR A 490 0.32 -0.79 -11.11
CA TYR A 490 -0.22 0.14 -10.12
C TYR A 490 -1.12 1.21 -10.72
N ASN A 491 -1.28 1.25 -12.05
CA ASN A 491 -2.13 2.24 -12.69
C ASN A 491 -3.48 1.56 -12.86
N ALA A 492 -4.35 1.72 -11.86
CA ALA A 492 -5.60 0.96 -11.84
C ALA A 492 -6.59 1.36 -12.95
N PRO A 493 -6.78 2.66 -13.22
CA PRO A 493 -7.76 3.02 -14.27
C PRO A 493 -7.23 2.89 -15.68
N GLY A 494 -5.90 2.81 -15.85
CA GLY A 494 -5.35 2.82 -17.18
C GLY A 494 -5.22 4.19 -17.81
N VAL A 495 -4.90 5.20 -17.00
CA VAL A 495 -4.85 6.58 -17.48
C VAL A 495 -3.47 6.92 -18.04
N GLN A 496 -3.46 7.58 -19.19
CA GLN A 496 -2.25 8.13 -19.79
C GLN A 496 -2.63 9.56 -20.18
N SER A 497 -2.42 10.51 -19.28
CA SER A 497 -2.87 11.87 -19.49
C SER A 497 -1.70 12.85 -19.43
N PRO A 498 -1.56 13.73 -20.41
CA PRO A 498 -0.46 14.70 -20.36
C PRO A 498 -0.60 15.70 -19.23
N VAL A 499 -1.83 15.97 -18.79
CA VAL A 499 -2.05 16.85 -17.64
C VAL A 499 -1.46 16.21 -16.38
N ILE A 500 -1.79 14.94 -16.14
CA ILE A 500 -1.21 14.21 -15.01
C ILE A 500 0.31 14.17 -15.13
N ASP A 501 0.80 13.84 -16.33
CA ASP A 501 2.24 13.73 -16.54
C ASP A 501 2.95 15.02 -16.20
N SER A 502 2.38 16.16 -16.60
CA SER A 502 3.10 17.42 -16.37
C SER A 502 3.13 17.76 -14.89
N LEU A 503 2.02 17.55 -14.19
CA LEU A 503 1.99 17.83 -12.76
C LEU A 503 2.95 16.93 -12.00
N ILE A 504 3.04 15.65 -12.40
CA ILE A 504 3.94 14.75 -11.69
C ILE A 504 5.39 15.06 -12.05
N ASN A 505 5.66 15.47 -13.29
CA ASN A 505 7.01 15.95 -13.60
C ASN A 505 7.39 17.14 -12.73
N GLN A 506 6.43 18.02 -12.44
CA GLN A 506 6.75 19.17 -11.60
C GLN A 506 6.93 18.77 -10.15
N ILE A 507 6.11 17.82 -9.68
CA ILE A 507 6.26 17.27 -8.33
C ILE A 507 7.66 16.70 -8.14
N ILE A 508 8.14 15.94 -9.14
CA ILE A 508 9.48 15.36 -9.05
C ILE A 508 10.54 16.45 -9.04
N ALA A 509 10.39 17.46 -9.90
CA ALA A 509 11.37 18.53 -9.90
C ALA A 509 11.36 19.34 -8.61
N ALA A 510 10.26 19.31 -7.87
CA ALA A 510 10.11 20.06 -6.62
C ALA A 510 10.31 19.19 -5.38
N GLN A 511 10.82 17.97 -5.54
CA GLN A 511 10.99 17.08 -4.39
C GLN A 511 11.87 17.75 -3.34
N GLY A 512 11.50 17.58 -2.07
CA GLY A 512 12.16 18.24 -0.97
C GLY A 512 11.67 19.64 -0.68
N ASN A 513 10.93 20.26 -1.60
CA ASN A 513 10.49 21.66 -1.47
C ASN A 513 9.02 21.67 -1.08
N LYS A 514 8.76 21.81 0.22
CA LYS A 514 7.38 21.72 0.70
C LYS A 514 6.53 22.88 0.20
N GLU A 515 7.10 24.09 0.14
CA GLU A 515 6.34 25.24 -0.35
C GLU A 515 5.81 25.00 -1.75
N LYS A 516 6.60 24.33 -2.60
CA LYS A 516 6.11 24.03 -3.94
C LYS A 516 5.22 22.79 -3.97
N LEU A 517 5.50 21.80 -3.11
CA LEU A 517 4.75 20.55 -3.18
C LEU A 517 3.32 20.72 -2.71
N LEU A 518 3.06 21.71 -1.84
CA LEU A 518 1.72 21.88 -1.32
C LEU A 518 0.74 22.25 -2.42
N PRO A 519 0.95 23.30 -3.23
CA PRO A 519 0.01 23.53 -4.33
C PRO A 519 0.04 22.44 -5.38
N LEU A 520 1.18 21.78 -5.60
CA LEU A 520 1.21 20.75 -6.65
C LEU A 520 0.42 19.53 -6.24
N GLY A 521 0.55 19.10 -4.99
CA GLY A 521 -0.25 17.97 -4.51
C GLY A 521 -1.74 18.24 -4.56
N ARG A 522 -2.15 19.44 -4.14
CA ARG A 522 -3.57 19.80 -4.19
C ARG A 522 -4.05 19.88 -5.63
N ALA A 523 -3.25 20.48 -6.52
CA ALA A 523 -3.63 20.52 -7.93
C ALA A 523 -3.78 19.12 -8.52
N LEU A 524 -2.84 18.21 -8.22
CA LEU A 524 -2.96 16.85 -8.74
C LEU A 524 -4.20 16.15 -8.17
N ASP A 525 -4.50 16.37 -6.88
CA ASP A 525 -5.72 15.83 -6.29
C ASP A 525 -6.95 16.26 -7.08
N ARG A 526 -7.02 17.54 -7.42
CA ARG A 526 -8.16 18.04 -8.20
C ARG A 526 -8.28 17.32 -9.54
N VAL A 527 -7.16 17.15 -10.24
CA VAL A 527 -7.22 16.49 -11.55
C VAL A 527 -7.68 15.04 -11.40
N LEU A 528 -7.10 14.31 -10.45
CA LEU A 528 -7.41 12.89 -10.32
C LEU A 528 -8.85 12.68 -9.85
N THR A 529 -9.32 13.52 -8.93
CA THR A 529 -10.68 13.32 -8.41
C THR A 529 -11.74 13.78 -9.40
N TRP A 530 -11.55 14.94 -10.04
CA TRP A 530 -12.61 15.50 -10.88
C TRP A 530 -12.77 14.75 -12.20
N ASN A 531 -11.75 14.01 -12.60
CA ASN A 531 -11.86 13.17 -13.79
C ASN A 531 -12.59 11.85 -13.51
N TYR A 532 -12.92 11.55 -12.26
CA TYR A 532 -13.69 10.35 -11.91
C TYR A 532 -13.02 9.10 -12.48
N TYR A 533 -11.69 9.03 -12.34
CA TYR A 533 -10.97 7.84 -12.79
C TYR A 533 -11.37 6.62 -11.98
N MET A 534 -11.67 6.81 -10.69
CA MET A 534 -12.17 5.75 -9.84
C MET A 534 -13.38 6.26 -9.05
N LEU A 535 -14.13 5.30 -8.52
CA LEU A 535 -15.33 5.60 -7.76
C LEU A 535 -14.96 5.56 -6.28
N PRO A 536 -14.98 6.69 -5.56
CA PRO A 536 -14.50 6.66 -4.17
C PRO A 536 -15.41 5.82 -3.30
N MET A 537 -14.81 4.91 -2.54
CA MET A 537 -15.57 4.15 -1.55
C MET A 537 -15.37 4.78 -0.17
N TRP A 538 -14.65 4.11 0.72
CA TRP A 538 -14.60 4.60 2.10
C TRP A 538 -13.24 4.34 2.73
N TYR A 539 -13.06 4.95 3.91
CA TYR A 539 -11.92 4.71 4.77
C TYR A 539 -12.40 4.94 6.20
N MET A 540 -11.57 4.60 7.17
CA MET A 540 -11.83 5.09 8.51
C MET A 540 -10.50 5.43 9.17
N ALA A 541 -10.49 6.56 9.88
CA ALA A 541 -9.26 7.08 10.48
C ALA A 541 -8.99 6.42 11.82
N GLU A 542 -9.04 5.09 11.84
CA GLU A 542 -8.79 4.34 13.06
C GLU A 542 -8.52 2.90 12.71
N ASP A 543 -7.77 2.24 13.58
CA ASP A 543 -7.42 0.83 13.45
C ASP A 543 -8.21 0.07 14.49
N ARG A 544 -9.05 -0.86 14.04
CA ARG A 544 -9.84 -1.70 14.93
C ARG A 544 -9.11 -3.02 15.08
N LEU A 545 -8.53 -3.25 16.26
CA LEU A 545 -7.68 -4.40 16.52
C LEU A 545 -8.26 -5.24 17.63
N ALA A 546 -8.11 -6.55 17.52
CA ALA A 546 -8.47 -7.45 18.60
C ALA A 546 -7.37 -8.48 18.76
N TRP A 547 -7.04 -8.80 20.01
CA TRP A 547 -6.00 -9.79 20.20
C TRP A 547 -6.22 -10.55 21.50
N TRP A 548 -5.77 -11.78 21.50
CA TRP A 548 -5.69 -12.56 22.72
C TRP A 548 -4.71 -11.91 23.68
N ASP A 549 -5.03 -11.89 24.97
CA ASP A 549 -4.30 -11.03 25.92
C ASP A 549 -3.03 -11.72 26.39
N LYS A 550 -2.06 -11.83 25.47
CA LYS A 550 -0.77 -12.43 25.77
C LYS A 550 0.39 -11.50 25.45
N PHE A 551 0.12 -10.25 25.10
CA PHE A 551 1.14 -9.33 24.60
C PHE A 551 1.21 -8.07 25.45
N SER A 552 2.38 -7.43 25.47
CA SER A 552 2.51 -6.08 25.98
C SER A 552 3.09 -5.18 24.90
N GLN A 553 2.86 -3.89 25.05
CA GLN A 553 3.17 -2.90 24.03
C GLN A 553 3.95 -1.75 24.64
N PRO A 554 4.80 -1.08 23.84
CA PRO A 554 5.41 0.17 24.30
C PRO A 554 4.38 1.23 24.63
N ALA A 555 4.79 2.18 25.46
CA ALA A 555 3.89 3.27 25.86
C ALA A 555 3.45 4.10 24.66
N VAL A 556 4.26 4.14 23.60
CA VAL A 556 3.98 4.96 22.42
C VAL A 556 3.86 4.05 21.21
N ARG A 557 2.78 4.24 20.41
CA ARG A 557 2.61 3.57 19.14
C ARG A 557 3.13 4.43 18.00
N PRO A 558 3.73 3.84 16.97
CA PRO A 558 4.16 4.64 15.83
C PRO A 558 2.98 5.20 15.08
N ILE A 559 3.24 6.25 14.30
CA ILE A 559 2.20 6.92 13.54
C ILE A 559 1.79 6.08 12.33
N TYR A 560 2.77 5.57 11.60
CA TYR A 560 2.57 5.06 10.25
C TYR A 560 2.54 3.53 10.19
N SER A 561 2.48 2.88 11.34
CA SER A 561 2.42 1.42 11.40
CA SER A 561 2.40 1.42 11.39
C SER A 561 1.71 1.03 12.67
N LEU A 562 1.15 -0.19 12.67
CA LEU A 562 0.58 -0.69 13.91
C LEU A 562 1.66 -0.91 14.96
N GLY A 563 2.92 -1.09 14.53
CA GLY A 563 4.00 -1.32 15.47
C GLY A 563 3.97 -2.67 16.15
N ILE A 564 3.36 -3.68 15.51
CA ILE A 564 3.32 -5.02 16.10
C ILE A 564 4.72 -5.57 16.29
N ASP A 565 5.67 -5.12 15.45
CA ASP A 565 7.05 -5.54 15.59
C ASP A 565 7.72 -5.00 16.84
N THR A 566 7.08 -4.07 17.57
CA THR A 566 7.57 -3.60 18.85
C THR A 566 6.91 -4.31 20.03
N TRP A 567 5.88 -5.11 19.78
CA TRP A 567 5.21 -5.83 20.85
C TRP A 567 6.08 -6.98 21.32
N TRP A 568 5.75 -7.50 22.51
CA TRP A 568 6.46 -8.65 23.03
C TRP A 568 5.47 -9.57 23.74
N TYR A 569 5.93 -10.80 23.94
CA TYR A 569 5.14 -11.83 24.58
C TYR A 569 5.21 -11.62 26.09
N ASP A 570 4.06 -11.43 26.72
CA ASP A 570 3.99 -11.13 28.16
C ASP A 570 3.63 -12.40 28.91
N VAL A 571 4.61 -12.95 29.63
CA VAL A 571 4.43 -14.23 30.33
C VAL A 571 3.31 -14.12 31.36
N ASN A 572 3.26 -13.02 32.10
CA ASN A 572 2.25 -12.88 33.15
C ASN A 572 0.85 -12.88 32.56
N LYS A 573 0.65 -12.14 31.46
CA LYS A 573 -0.66 -12.07 30.84
C LYS A 573 -1.06 -13.40 30.23
N ALA A 574 -0.13 -14.07 29.54
CA ALA A 574 -0.46 -15.32 28.87
C ALA A 574 -0.83 -16.43 29.84
N ALA A 575 -0.35 -16.35 31.10
CA ALA A 575 -0.60 -17.42 32.06
C ALA A 575 -2.07 -17.56 32.41
N LYS A 576 -2.85 -16.51 32.21
CA LYS A 576 -4.27 -16.56 32.49
C LYS A 576 -5.09 -17.07 31.31
N LEU A 577 -4.49 -17.17 30.12
CA LEU A 577 -5.18 -17.66 28.94
C LEU A 577 -5.17 -19.19 28.92
N PRO A 578 -6.16 -19.80 28.26
CA PRO A 578 -6.12 -21.26 28.08
C PRO A 578 -4.93 -21.67 27.22
N SER A 579 -4.45 -22.89 27.45
CA SER A 579 -3.26 -23.37 26.76
C SER A 579 -3.55 -23.59 25.28
N ALA A 580 -2.58 -23.23 24.44
CA ALA A 580 -2.71 -23.43 22.99
C ALA A 580 -2.73 -24.90 22.59
N SER A 581 -2.53 -25.82 23.53
CA SER A 581 -2.62 -27.24 23.21
C SER A 581 -4.02 -27.66 22.79
N LYS A 582 -5.05 -26.87 23.11
CA LYS A 582 -6.42 -27.23 22.73
C LYS A 582 -6.65 -27.14 21.22
N GLN A 583 -5.97 -26.22 20.56
CA GLN A 583 -6.16 -26.04 19.12
C GLN A 583 -5.81 -27.31 18.38
N VAL B 1 6.56 2.11 2.18
CA VAL B 1 7.92 2.64 2.10
C VAL B 1 8.21 3.16 0.70
N LEU B 2 8.92 4.28 0.66
CA LEU B 2 9.33 4.92 -0.59
C LEU B 2 10.07 3.96 -1.50
N GLY B 3 9.55 3.76 -2.71
CA GLY B 3 10.22 2.98 -3.71
C GLY B 3 9.68 1.57 -3.92
N GLU B 4 8.85 1.07 -3.01
CA GLU B 4 8.32 -0.30 -3.13
C GLU B 4 7.68 -0.59 -4.49
N PRO B 5 6.84 0.30 -5.06
CA PRO B 5 6.31 0.01 -6.40
C PRO B 5 7.34 0.01 -7.51
N ARG B 6 8.56 0.50 -7.26
CA ARG B 6 9.63 0.37 -8.25
C ARG B 6 10.18 -1.05 -8.30
N TYR B 7 10.04 -1.83 -7.21
CA TYR B 7 10.72 -3.10 -7.01
C TYR B 7 9.88 -4.34 -7.30
N ALA B 8 8.56 -4.23 -7.28
CA ALA B 8 7.75 -5.44 -7.27
C ALA B 8 6.38 -5.14 -7.85
N PHE B 9 5.69 -6.19 -8.28
CA PHE B 9 4.34 -6.01 -8.81
C PHE B 9 3.35 -5.88 -7.67
N ASN B 10 2.23 -5.20 -7.97
CA ASN B 10 1.17 -5.03 -6.99
C ASN B 10 0.64 -6.38 -6.49
N PHE B 11 0.22 -6.39 -5.23
CA PHE B 11 -0.39 -7.56 -4.61
C PHE B 11 -1.53 -7.08 -3.73
N ASN B 12 -2.66 -7.77 -3.79
CA ASN B 12 -3.74 -7.60 -2.81
C ASN B 12 -4.24 -6.15 -2.73
C1 GOL C . -31.23 0.32 -1.40
O1 GOL C . -32.33 -0.07 -2.14
C2 GOL C . -29.96 -0.01 -2.21
O2 GOL C . -30.21 -0.77 -3.35
C3 GOL C . -29.33 1.35 -2.51
O3 GOL C . -28.20 1.10 -3.30
C1 GOL D . 5.73 -8.60 13.44
O1 GOL D . 7.08 -8.20 13.37
C2 GOL D . 4.96 -7.72 12.41
O2 GOL D . 5.47 -7.87 11.14
C3 GOL D . 3.49 -8.15 12.50
O3 GOL D . 2.78 -7.28 11.66
C1 GOL E . 3.58 -5.76 -17.37
O1 GOL E . 4.85 -6.38 -17.52
C2 GOL E . 2.64 -6.70 -16.54
O2 GOL E . 2.40 -7.94 -17.17
C3 GOL E . 1.32 -5.87 -16.29
O3 GOL E . 0.77 -5.52 -17.54
C1 GOL F . 24.70 -15.18 10.78
O1 GOL F . 26.05 -15.07 11.12
C2 GOL F . 23.96 -14.15 11.65
O2 GOL F . 24.82 -13.19 12.16
C3 GOL F . 22.91 -13.53 10.71
O3 GOL F . 22.74 -12.18 11.10
CL CL G . 7.84 1.79 26.42
MG MG H . 6.56 -1.47 -19.47
#